data_6G14
#
_entry.id   6G14
#
_cell.length_a   71.781
_cell.length_b   74.512
_cell.length_c   125.215
_cell.angle_alpha   90.00
_cell.angle_beta   90.00
_cell.angle_gamma   90.00
#
_symmetry.space_group_name_H-M   'P 21 21 21'
#
loop_
_entity.id
_entity.type
_entity.pdbx_description
1 polymer 'Ribosome biogenesis GTPase A'
2 non-polymer "GUANOSINE-5',3'-TETRAPHOSPHATE"
3 water water
#
_entity_poly.entity_id   1
_entity_poly.type   'polypeptide(L)'
_entity_poly.pdbx_seq_one_letter_code
;MVIQWYPGHMAKAKREVSEQLKKVDVVFELVDARIPYSSRNPMIDEVINQKPRVVILNKKDMSNLNEMSKWEQFFIDKGY
YPVSVDAKHGKNLKKVEAAAIKATAEKFEREKAKGLKPRAIRAMIVGIPNVGKSTLINKLAKRSIAQTGNKPGVTKQQQW
IKVGNALQLLDTPGILWPKFEDEEVGKKLSLTGAIKDSIVHLDEVAIYGLNFLIQNDLARLKSHYNIEVPEDAEIIAWFD
AIGKKRGLIRRGNEIDYEAVIELIIYDIRNAKIGNYCFDIFKDMTEELANDANN
;
_entity_poly.pdbx_strand_id   B,A
#
# COMPACT_ATOMS: atom_id res chain seq x y z
N VAL A 2 5.49 3.80 19.15
CA VAL A 2 5.86 2.72 20.06
C VAL A 2 5.44 3.00 21.50
N ILE A 3 4.64 2.10 22.06
CA ILE A 3 4.25 2.26 23.45
C ILE A 3 5.35 1.71 24.32
N GLN A 4 5.78 2.53 25.27
CA GLN A 4 6.78 2.07 26.19
C GLN A 4 6.09 1.42 27.35
N TRP A 5 6.27 0.12 27.50
CA TRP A 5 5.66 -0.58 28.60
C TRP A 5 6.66 -0.57 29.75
N TYR A 6 6.13 -0.40 30.95
CA TYR A 6 6.88 -0.50 32.20
C TYR A 6 5.81 -0.81 33.22
N PRO A 7 6.16 -1.44 34.35
CA PRO A 7 5.14 -2.03 35.23
C PRO A 7 3.98 -1.09 35.57
N GLY A 8 4.29 0.16 35.87
CA GLY A 8 3.27 1.14 36.20
C GLY A 8 2.29 1.38 35.09
N HIS A 9 2.82 1.49 33.87
CA HIS A 9 1.98 1.75 32.70
C HIS A 9 1.10 0.54 32.40
N MET A 10 1.62 -0.64 32.69
CA MET A 10 0.86 -1.87 32.55
C MET A 10 -0.32 -1.90 33.51
N ALA A 11 -0.06 -1.52 34.77
CA ALA A 11 -1.14 -1.51 35.75
C ALA A 11 -2.20 -0.47 35.40
N LYS A 12 -1.74 0.69 34.92
CA LYS A 12 -2.66 1.76 34.55
C LYS A 12 -3.53 1.32 33.37
N ALA A 13 -2.93 0.57 32.43
CA ALA A 13 -3.68 0.11 31.27
C ALA A 13 -4.72 -0.93 31.67
N LYS A 14 -4.34 -1.85 32.54
CA LYS A 14 -5.28 -2.87 32.99
C LYS A 14 -6.46 -2.25 33.73
N ARG A 15 -6.12 -1.33 34.62
CA ARG A 15 -7.13 -0.63 35.41
C ARG A 15 -8.10 0.12 34.50
N GLU A 16 -7.55 0.93 33.59
CA GLU A 16 -8.37 1.71 32.68
C GLU A 16 -9.26 0.84 31.77
N VAL A 17 -8.71 -0.26 31.24
CA VAL A 17 -9.49 -1.12 30.35
C VAL A 17 -10.64 -1.78 31.10
N SER A 18 -10.38 -2.31 32.30
CA SER A 18 -11.48 -2.83 33.11
C SER A 18 -12.57 -1.76 33.34
N GLU A 19 -12.12 -0.54 33.65
CA GLU A 19 -13.05 0.58 33.80
C GLU A 19 -13.93 0.81 32.57
N GLN A 20 -13.32 0.83 31.39
CA GLN A 20 -14.06 0.98 30.14
C GLN A 20 -15.04 -0.18 29.98
N LEU A 21 -14.61 -1.37 30.36
CA LEU A 21 -15.41 -2.56 30.12
C LEU A 21 -16.67 -2.55 30.95
N LYS A 22 -16.64 -1.85 32.08
CA LYS A 22 -17.86 -1.69 32.87
C LYS A 22 -18.99 -1.06 32.06
N LYS A 23 -18.66 -0.23 31.08
CA LYS A 23 -19.68 0.47 30.32
C LYS A 23 -20.34 -0.32 29.18
N VAL A 24 -19.87 -1.55 28.90
CA VAL A 24 -20.31 -2.23 27.68
C VAL A 24 -20.96 -3.59 27.91
N ASP A 25 -21.75 -4.03 26.92
CA ASP A 25 -22.40 -5.34 26.93
C ASP A 25 -21.54 -6.41 26.31
N VAL A 26 -20.71 -5.99 25.36
CA VAL A 26 -19.91 -6.93 24.59
C VAL A 26 -18.55 -6.29 24.32
N VAL A 27 -17.51 -7.10 24.32
CA VAL A 27 -16.17 -6.62 23.98
C VAL A 27 -15.70 -7.30 22.69
N PHE A 28 -15.13 -6.49 21.79
CA PHE A 28 -14.48 -6.98 20.58
C PHE A 28 -12.99 -7.13 20.86
N GLU A 29 -12.51 -8.36 21.00
CA GLU A 29 -11.08 -8.60 21.15
C GLU A 29 -10.46 -8.69 19.76
N LEU A 30 -9.64 -7.72 19.40
CA LEU A 30 -9.07 -7.68 18.06
C LEU A 30 -7.70 -8.34 18.04
N VAL A 31 -7.55 -9.34 17.16
CA VAL A 31 -6.27 -10.01 17.00
C VAL A 31 -5.80 -9.99 15.57
N ASP A 32 -4.53 -10.32 15.36
CA ASP A 32 -3.97 -10.38 14.03
C ASP A 32 -4.28 -11.75 13.46
N ALA A 33 -4.92 -11.80 12.31
CA ALA A 33 -5.22 -13.05 11.65
C ALA A 33 -3.99 -13.86 11.30
N ARG A 34 -2.84 -13.21 11.18
CA ARG A 34 -1.58 -13.90 10.89
C ARG A 34 -1.07 -14.61 12.15
N ILE A 35 -1.49 -14.14 13.32
CA ILE A 35 -1.16 -14.81 14.57
C ILE A 35 -2.30 -14.67 15.59
N PRO A 36 -3.40 -15.38 15.35
CA PRO A 36 -4.62 -15.17 16.15
C PRO A 36 -4.41 -15.43 17.62
N TYR A 37 -3.46 -16.31 17.95
CA TYR A 37 -3.22 -16.63 19.35
C TYR A 37 -2.05 -15.80 19.94
N SER A 38 -0.97 -15.65 19.16
CA SER A 38 0.23 -14.96 19.64
C SER A 38 0.07 -13.44 19.72
N SER A 39 -0.95 -12.88 19.06
CA SER A 39 -1.13 -11.43 19.08
C SER A 39 -2.16 -11.03 20.16
N ARG A 40 -2.40 -11.92 21.12
CA ARG A 40 -3.30 -11.63 22.25
C ARG A 40 -2.56 -11.14 23.47
N ASN A 41 -3.23 -10.30 24.26
CA ASN A 41 -2.66 -9.92 25.55
C ASN A 41 -2.63 -11.12 26.52
N PRO A 42 -1.51 -11.31 27.24
CA PRO A 42 -1.41 -12.50 28.09
C PRO A 42 -2.42 -12.51 29.25
N MET A 43 -2.99 -11.38 29.61
CA MET A 43 -3.99 -11.41 30.68
C MET A 43 -5.36 -11.02 30.17
N ILE A 44 -5.62 -11.31 28.89
CA ILE A 44 -6.85 -10.81 28.29
C ILE A 44 -8.09 -11.38 28.98
N ASP A 45 -8.01 -12.62 29.43
CA ASP A 45 -9.19 -13.28 30.02
C ASP A 45 -9.49 -12.74 31.42
N GLU A 46 -8.44 -12.42 32.15
CA GLU A 46 -8.57 -11.74 33.44
C GLU A 46 -9.25 -10.39 33.29
N VAL A 47 -8.82 -9.64 32.28
CA VAL A 47 -9.38 -8.32 32.04
C VAL A 47 -10.83 -8.39 31.59
N ILE A 48 -11.11 -9.28 30.65
CA ILE A 48 -12.46 -9.35 30.08
C ILE A 48 -13.45 -10.02 31.04
N ASN A 49 -12.98 -11.02 31.78
CA ASN A 49 -13.77 -11.64 32.85
C ASN A 49 -15.18 -12.08 32.45
N GLN A 50 -15.26 -12.90 31.41
CA GLN A 50 -16.50 -13.55 30.97
C GLN A 50 -17.55 -12.63 30.31
N LYS A 51 -17.19 -11.37 30.07
CA LYS A 51 -17.97 -10.49 29.22
C LYS A 51 -18.21 -11.17 27.86
N PRO A 52 -19.45 -11.07 27.32
CA PRO A 52 -19.70 -11.61 25.97
C PRO A 52 -18.63 -11.11 24.98
N ARG A 53 -18.08 -12.01 24.18
CA ARG A 53 -16.88 -11.67 23.43
C ARG A 53 -16.96 -12.02 21.93
N VAL A 54 -16.77 -11.03 21.07
CA VAL A 54 -16.52 -11.24 19.66
C VAL A 54 -15.02 -11.17 19.45
N VAL A 55 -14.42 -12.23 18.90
CA VAL A 55 -12.99 -12.17 18.56
C VAL A 55 -12.88 -11.84 17.08
N ILE A 56 -12.24 -10.73 16.79
CA ILE A 56 -12.13 -10.30 15.41
C ILE A 56 -10.71 -10.57 14.94
N LEU A 57 -10.60 -11.45 13.95
CA LEU A 57 -9.33 -11.77 13.32
C LEU A 57 -9.15 -10.77 12.20
N ASN A 58 -8.38 -9.72 12.48
CA ASN A 58 -8.21 -8.66 11.50
C ASN A 58 -7.01 -8.95 10.60
N LYS A 59 -6.95 -8.24 9.47
CA LYS A 59 -5.91 -8.40 8.43
C LYS A 59 -5.99 -9.77 7.77
N LYS A 60 -7.20 -10.29 7.64
CA LYS A 60 -7.41 -11.59 6.99
C LYS A 60 -6.84 -11.60 5.58
N ASP A 61 -6.70 -10.43 4.97
CA ASP A 61 -6.12 -10.32 3.63
C ASP A 61 -4.64 -10.70 3.60
N MET A 62 -4.00 -10.75 4.75
CA MET A 62 -2.62 -11.12 4.83
C MET A 62 -2.35 -12.52 5.42
N SER A 63 -3.39 -13.27 5.72
CA SER A 63 -3.26 -14.57 6.36
C SER A 63 -3.80 -15.76 5.54
N ASN A 64 -3.68 -16.94 6.10
CA ASN A 64 -4.12 -18.19 5.50
C ASN A 64 -5.48 -18.58 6.06
N LEU A 65 -6.49 -18.65 5.21
CA LEU A 65 -7.84 -18.94 5.67
C LEU A 65 -8.02 -20.26 6.34
N ASN A 66 -7.36 -21.27 5.84
CA ASN A 66 -7.46 -22.57 6.45
C ASN A 66 -6.91 -22.60 7.87
N GLU A 67 -5.72 -22.04 8.08
CA GLU A 67 -5.17 -22.05 9.42
C GLU A 67 -6.01 -21.20 10.35
N MET A 68 -6.43 -20.06 9.87
CA MET A 68 -7.38 -19.17 10.56
C MET A 68 -8.61 -19.92 11.01
N SER A 69 -9.13 -20.79 10.16
CA SER A 69 -10.37 -21.48 10.49
C SER A 69 -10.11 -22.43 11.67
N LYS A 70 -8.89 -22.95 11.78
CA LYS A 70 -8.55 -23.73 12.99
C LYS A 70 -8.57 -22.88 14.27
N TRP A 71 -8.08 -21.65 14.16
CA TRP A 71 -8.15 -20.78 15.32
C TRP A 71 -9.58 -20.35 15.63
N GLU A 72 -10.38 -20.17 14.59
CA GLU A 72 -11.77 -19.81 14.81
C GLU A 72 -12.48 -20.93 15.56
N GLN A 73 -12.23 -22.17 15.18
CA GLN A 73 -12.75 -23.30 15.93
C GLN A 73 -12.32 -23.23 17.39
N PHE A 74 -11.04 -22.96 17.62
CA PHE A 74 -10.57 -22.76 18.99
C PHE A 74 -11.40 -21.70 19.78
N PHE A 75 -11.61 -20.53 19.18
CA PHE A 75 -12.36 -19.50 19.88
C PHE A 75 -13.82 -19.90 20.09
N ILE A 76 -14.39 -20.62 19.12
CA ILE A 76 -15.77 -21.13 19.27
C ILE A 76 -15.87 -22.08 20.46
N ASP A 77 -14.90 -22.96 20.57
CA ASP A 77 -14.86 -23.93 21.66
C ASP A 77 -14.72 -23.28 23.04
N LYS A 78 -14.21 -22.05 23.05
CA LYS A 78 -14.11 -21.30 24.28
C LYS A 78 -15.34 -20.49 24.60
N GLY A 79 -16.35 -20.54 23.72
CA GLY A 79 -17.57 -19.77 23.90
C GLY A 79 -17.52 -18.33 23.40
N TYR A 80 -16.56 -18.02 22.53
CA TYR A 80 -16.53 -16.71 21.91
C TYR A 80 -17.12 -16.78 20.53
N TYR A 81 -17.28 -15.62 19.93
CA TYR A 81 -17.86 -15.51 18.59
C TYR A 81 -16.86 -14.89 17.61
N PRO A 82 -16.11 -15.75 16.89
CA PRO A 82 -15.04 -15.25 16.01
C PRO A 82 -15.52 -14.85 14.61
N VAL A 83 -14.95 -13.77 14.09
CA VAL A 83 -15.17 -13.32 12.73
C VAL A 83 -13.83 -12.88 12.17
N SER A 84 -13.70 -12.92 10.86
CA SER A 84 -12.50 -12.36 10.24
C SER A 84 -12.86 -11.18 9.35
N VAL A 85 -12.02 -10.16 9.38
CA VAL A 85 -12.27 -8.96 8.59
C VAL A 85 -10.98 -8.43 8.02
N ASP A 86 -11.13 -7.56 7.02
CA ASP A 86 -10.01 -6.76 6.52
C ASP A 86 -10.43 -5.32 6.82
N ALA A 87 -9.94 -4.78 7.94
CA ALA A 87 -10.43 -3.48 8.38
C ALA A 87 -9.98 -2.35 7.45
N LYS A 88 -8.87 -2.56 6.77
CA LYS A 88 -8.30 -1.50 5.96
C LYS A 88 -9.09 -1.35 4.66
N HIS A 89 -9.33 -2.47 3.99
CA HIS A 89 -9.97 -2.46 2.68
C HIS A 89 -11.47 -2.74 2.74
N GLY A 90 -12.02 -2.78 3.94
CA GLY A 90 -13.47 -2.74 4.13
C GLY A 90 -14.16 -4.03 3.78
N LYS A 91 -13.49 -5.15 4.04
CA LYS A 91 -14.03 -6.44 3.63
C LYS A 91 -14.64 -7.20 4.83
N ASN A 92 -15.93 -7.49 4.69
CA ASN A 92 -16.71 -8.34 5.60
C ASN A 92 -17.20 -7.66 6.88
N LEU A 93 -17.38 -6.34 6.86
CA LEU A 93 -17.53 -5.59 8.11
C LEU A 93 -18.88 -5.70 8.82
N LYS A 94 -19.98 -5.76 8.07
CA LYS A 94 -21.28 -5.80 8.72
C LYS A 94 -21.43 -7.05 9.60
N LYS A 95 -20.57 -8.04 9.40
CA LYS A 95 -20.57 -9.24 10.21
C LYS A 95 -20.21 -8.93 11.68
N VAL A 96 -19.69 -7.74 11.95
CA VAL A 96 -19.29 -7.39 13.31
C VAL A 96 -20.55 -7.17 14.17
N GLU A 97 -21.41 -6.22 13.79
CA GLU A 97 -22.68 -6.03 14.50
C GLU A 97 -23.43 -7.36 14.64
N ALA A 98 -23.45 -8.14 13.57
CA ALA A 98 -24.14 -9.42 13.58
C ALA A 98 -23.61 -10.30 14.71
N ALA A 99 -22.28 -10.39 14.80
CA ALA A 99 -21.67 -11.19 15.86
C ALA A 99 -22.03 -10.65 17.22
N ALA A 100 -22.03 -9.33 17.36
CA ALA A 100 -22.33 -8.74 18.67
C ALA A 100 -23.77 -9.13 19.06
N ILE A 101 -24.65 -9.16 18.06
CA ILE A 101 -26.05 -9.46 18.35
C ILE A 101 -26.12 -10.87 18.87
N LYS A 102 -25.35 -11.77 18.24
CA LYS A 102 -25.37 -13.15 18.65
C LYS A 102 -24.74 -13.30 20.03
N ALA A 103 -23.72 -12.49 20.33
CA ALA A 103 -22.95 -12.72 21.54
C ALA A 103 -23.73 -12.25 22.77
N THR A 104 -24.63 -11.29 22.55
CA THR A 104 -25.40 -10.73 23.65
C THR A 104 -26.86 -11.22 23.66
N ALA A 105 -27.18 -12.15 22.77
CA ALA A 105 -28.58 -12.57 22.64
C ALA A 105 -29.16 -13.04 23.99
N GLU A 106 -28.41 -13.87 24.70
CA GLU A 106 -28.89 -14.46 25.94
C GLU A 106 -29.12 -13.38 27.02
N LYS A 107 -28.16 -12.48 27.17
CA LYS A 107 -28.29 -11.33 28.07
C LYS A 107 -29.57 -10.54 27.82
N PHE A 108 -29.84 -10.22 26.56
CA PHE A 108 -31.02 -9.42 26.25
C PHE A 108 -32.34 -10.20 26.32
N GLU A 109 -32.30 -11.52 26.15
CA GLU A 109 -33.50 -12.32 26.43
C GLU A 109 -33.81 -12.25 27.92
N ARG A 110 -32.76 -12.32 28.74
CA ARG A 110 -32.96 -12.21 30.17
C ARG A 110 -33.48 -10.82 30.55
N GLU A 111 -32.95 -9.77 29.94
CA GLU A 111 -33.44 -8.41 30.15
C GLU A 111 -34.91 -8.27 29.78
N LYS A 112 -35.27 -8.80 28.62
CA LYS A 112 -36.64 -8.75 28.14
C LYS A 112 -37.59 -9.46 29.12
N ALA A 113 -37.15 -10.60 29.66
CA ALA A 113 -37.97 -11.33 30.62
C ALA A 113 -38.14 -10.56 31.93
N LYS A 114 -37.15 -9.74 32.28
CA LYS A 114 -37.18 -8.96 33.51
C LYS A 114 -37.93 -7.64 33.31
N GLY A 115 -38.56 -7.50 32.14
CA GLY A 115 -39.43 -6.37 31.89
C GLY A 115 -38.81 -5.18 31.16
N LEU A 116 -37.50 -5.22 30.94
CA LEU A 116 -36.82 -4.09 30.33
C LEU A 116 -37.09 -3.91 28.85
N LYS A 117 -37.11 -2.66 28.41
CA LYS A 117 -37.18 -2.33 26.99
C LYS A 117 -35.95 -2.73 26.20
N PRO A 118 -36.15 -2.96 24.89
CA PRO A 118 -35.00 -3.16 23.98
C PRO A 118 -34.17 -1.89 23.91
N ARG A 119 -32.85 -2.08 23.74
CA ARG A 119 -31.93 -0.96 23.65
C ARG A 119 -30.76 -1.32 22.73
N ALA A 120 -29.93 -0.32 22.42
CA ALA A 120 -28.73 -0.54 21.62
C ALA A 120 -27.70 -1.35 22.39
N ILE A 121 -27.04 -2.26 21.69
CA ILE A 121 -25.89 -2.98 22.23
C ILE A 121 -24.70 -2.01 22.37
N ARG A 122 -24.04 -2.04 23.52
CA ARG A 122 -22.86 -1.20 23.72
C ARG A 122 -21.59 -2.05 23.63
N ALA A 123 -20.60 -1.57 22.87
CA ALA A 123 -19.39 -2.35 22.63
C ALA A 123 -18.11 -1.52 22.74
N MET A 124 -16.99 -2.21 22.98
CA MET A 124 -15.70 -1.56 22.81
C MET A 124 -14.70 -2.55 22.21
N ILE A 125 -13.60 -2.01 21.69
CA ILE A 125 -12.54 -2.82 21.08
C ILE A 125 -11.31 -2.78 22.00
N VAL A 126 -10.71 -3.93 22.23
CA VAL A 126 -9.51 -4.10 23.05
C VAL A 126 -8.49 -4.92 22.28
N GLY A 127 -7.21 -4.68 22.48
CA GLY A 127 -6.21 -5.56 21.92
C GLY A 127 -4.83 -4.92 22.04
N ILE A 128 -3.80 -5.64 21.58
CA ILE A 128 -2.42 -5.16 21.63
C ILE A 128 -2.21 -4.12 20.55
N PRO A 129 -1.13 -3.33 20.64
CA PRO A 129 -0.90 -2.32 19.61
C PRO A 129 -0.69 -2.91 18.22
N ASN A 130 -1.02 -2.13 17.20
CA ASN A 130 -0.82 -2.44 15.76
C ASN A 130 -1.69 -3.56 15.15
N VAL A 131 -2.69 -4.04 15.88
CA VAL A 131 -3.56 -5.06 15.29
C VAL A 131 -4.69 -4.47 14.43
N GLY A 132 -4.88 -3.15 14.49
CA GLY A 132 -5.85 -2.50 13.63
C GLY A 132 -7.04 -1.86 14.32
N LYS A 133 -6.89 -1.55 15.61
CA LYS A 133 -8.02 -1.04 16.39
C LYS A 133 -8.52 0.32 15.89
N SER A 134 -7.61 1.28 15.66
CA SER A 134 -8.06 2.60 15.22
C SER A 134 -8.59 2.53 13.79
N THR A 135 -7.94 1.73 12.96
CA THR A 135 -8.41 1.46 11.60
C THR A 135 -9.86 0.94 11.61
N LEU A 136 -10.13 -0.04 12.46
CA LEU A 136 -11.46 -0.63 12.53
C LEU A 136 -12.48 0.36 13.06
N ILE A 137 -12.13 1.11 14.08
CA ILE A 137 -13.04 2.14 14.61
C ILE A 137 -13.38 3.17 13.55
N ASN A 138 -12.35 3.63 12.84
CA ASN A 138 -12.54 4.60 11.77
C ASN A 138 -13.44 4.03 10.68
N LYS A 139 -13.25 2.77 10.34
CA LYS A 139 -14.01 2.16 9.25
C LYS A 139 -15.47 1.93 9.61
N LEU A 140 -15.71 1.56 10.87
CA LEU A 140 -17.07 1.40 11.38
C LEU A 140 -17.76 2.75 11.50
N ALA A 141 -16.99 3.75 11.89
CA ALA A 141 -17.55 5.08 12.08
C ALA A 141 -17.77 5.85 10.78
N LYS A 142 -17.05 5.46 9.73
CA LYS A 142 -17.12 6.14 8.43
C LYS A 142 -16.57 7.57 8.54
N ARG A 143 -15.72 7.80 9.54
CA ARG A 143 -15.06 9.09 9.77
C ARG A 143 -13.73 8.82 10.47
N SER A 144 -12.84 9.81 10.49
CA SER A 144 -11.58 9.69 11.21
C SER A 144 -11.74 10.08 12.67
N ILE A 145 -11.69 9.10 13.57
CA ILE A 145 -11.80 9.37 15.00
C ILE A 145 -10.44 9.77 15.58
N GLY A 149 -7.35 15.40 22.13
CA GLY A 149 -8.04 16.65 21.86
C GLY A 149 -7.27 17.44 20.82
N ASN A 150 -7.94 18.38 20.16
CA ASN A 150 -7.27 19.14 19.13
C ASN A 150 -6.30 20.20 19.63
N LYS A 151 -6.74 21.00 20.60
CA LYS A 151 -5.87 22.03 21.14
C LYS A 151 -4.92 21.43 22.18
N PRO A 152 -3.65 21.85 22.13
CA PRO A 152 -2.56 21.28 22.95
C PRO A 152 -2.88 21.11 24.44
N GLY A 153 -3.63 22.00 25.05
CA GLY A 153 -3.93 21.79 26.46
C GLY A 153 -4.95 20.69 26.71
N VAL A 154 -5.68 20.34 25.65
CA VAL A 154 -7.01 19.75 25.80
C VAL A 154 -7.09 18.23 25.57
N THR A 155 -7.63 17.51 26.54
CA THR A 155 -7.69 16.04 26.47
C THR A 155 -8.98 15.55 25.81
N LYS A 156 -8.82 14.56 24.92
CA LYS A 156 -9.96 13.93 24.26
C LYS A 156 -10.88 13.26 25.27
N GLN A 157 -12.18 13.52 25.18
CA GLN A 157 -13.10 12.78 26.03
C GLN A 157 -13.77 11.67 25.21
N GLN A 158 -14.02 10.55 25.86
CA GLN A 158 -14.49 9.35 25.17
C GLN A 158 -15.96 9.49 24.80
N GLN A 159 -16.31 9.01 23.61
CA GLN A 159 -17.66 9.20 23.09
C GLN A 159 -18.16 7.90 22.46
N TRP A 160 -19.49 7.80 22.32
CA TRP A 160 -20.09 6.66 21.65
C TRP A 160 -20.27 6.98 20.17
N ILE A 161 -20.10 5.97 19.32
CA ILE A 161 -20.31 6.12 17.89
C ILE A 161 -21.48 5.24 17.52
N LYS A 162 -22.41 5.77 16.74
CA LYS A 162 -23.49 4.93 16.30
C LYS A 162 -23.00 4.15 15.08
N VAL A 163 -23.10 2.84 15.18
CA VAL A 163 -22.64 1.91 14.16
C VAL A 163 -23.79 0.96 13.79
N GLY A 164 -23.93 0.73 12.49
CA GLY A 164 -25.02 -0.05 11.95
C GLY A 164 -26.36 0.44 12.41
N ASN A 165 -27.26 -0.49 12.70
CA ASN A 165 -28.59 -0.13 13.17
C ASN A 165 -28.68 -0.06 14.68
N ALA A 166 -28.23 -1.13 15.35
CA ALA A 166 -28.41 -1.24 16.78
C ALA A 166 -27.10 -1.20 17.60
N LEU A 167 -26.01 -0.66 17.05
CA LEU A 167 -24.75 -0.77 17.79
C LEU A 167 -24.16 0.55 18.25
N GLN A 168 -23.82 0.64 19.52
CA GLN A 168 -23.08 1.79 20.03
C GLN A 168 -21.69 1.36 20.40
N LEU A 169 -20.70 1.97 19.76
CA LEU A 169 -19.31 1.56 19.90
C LEU A 169 -18.49 2.64 20.61
N LEU A 170 -17.78 2.29 21.67
CA LEU A 170 -16.89 3.27 22.31
C LEU A 170 -15.85 3.73 21.30
N ASP A 171 -15.61 5.04 21.19
CA ASP A 171 -14.75 5.54 20.12
C ASP A 171 -13.26 5.43 20.47
N THR A 172 -12.98 4.91 21.65
CA THR A 172 -11.59 4.80 22.11
C THR A 172 -11.30 3.35 22.44
N PRO A 173 -10.21 2.79 21.87
CA PRO A 173 -9.91 1.39 22.13
C PRO A 173 -9.28 1.17 23.50
N GLY A 174 -9.31 -0.06 24.00
CA GLY A 174 -8.54 -0.43 25.16
C GLY A 174 -7.22 -1.02 24.67
N ILE A 175 -6.10 -0.40 25.03
CA ILE A 175 -4.81 -0.90 24.55
C ILE A 175 -4.09 -1.68 25.64
N LEU A 176 -3.81 -2.96 25.38
CA LEU A 176 -3.09 -3.80 26.33
C LEU A 176 -1.75 -4.25 25.74
N TRP A 177 -0.90 -4.85 26.58
CA TRP A 177 0.45 -5.20 26.12
C TRP A 177 0.53 -6.57 25.47
N PRO A 178 1.51 -6.76 24.57
CA PRO A 178 1.70 -8.07 23.95
C PRO A 178 2.37 -9.10 24.88
N LYS A 179 2.37 -10.35 24.46
CA LYS A 179 3.08 -11.41 25.18
C LYS A 179 4.58 -11.12 25.13
N PHE A 180 5.24 -11.27 26.28
CA PHE A 180 6.64 -10.89 26.42
C PHE A 180 7.57 -12.06 26.71
N GLU A 181 7.05 -13.10 27.34
CA GLU A 181 7.92 -14.07 28.01
C GLU A 181 8.53 -15.15 27.13
N ASP A 182 7.89 -15.50 26.02
CA ASP A 182 8.37 -16.57 25.16
C ASP A 182 9.10 -16.02 23.94
N GLU A 183 10.28 -16.59 23.67
CA GLU A 183 11.15 -16.09 22.62
C GLU A 183 10.54 -16.31 21.22
N GLU A 184 9.90 -17.45 21.02
CA GLU A 184 9.27 -17.77 19.75
C GLU A 184 8.11 -16.81 19.46
N VAL A 185 7.31 -16.54 20.50
CA VAL A 185 6.23 -15.59 20.38
C VAL A 185 6.79 -14.20 20.02
N GLY A 186 7.91 -13.83 20.63
CA GLY A 186 8.58 -12.59 20.29
C GLY A 186 8.98 -12.55 18.82
N LYS A 187 9.49 -13.67 18.30
CA LYS A 187 9.86 -13.70 16.88
C LYS A 187 8.64 -13.56 15.98
N LYS A 188 7.53 -14.20 16.33
CA LYS A 188 6.31 -14.06 15.55
C LYS A 188 5.78 -12.64 15.56
N LEU A 189 5.84 -12.00 16.73
CA LEU A 189 5.38 -10.64 16.85
C LEU A 189 6.24 -9.71 16.01
N SER A 190 7.55 -10.00 15.96
CA SER A 190 8.45 -9.18 15.17
C SER A 190 8.22 -9.41 13.67
N LEU A 191 7.93 -10.65 13.28
CA LEU A 191 7.69 -11.01 11.88
C LEU A 191 6.41 -10.41 11.30
N THR A 192 5.48 -10.05 12.17
CA THR A 192 4.23 -9.45 11.71
C THR A 192 4.25 -7.93 11.87
N GLY A 193 5.33 -7.40 12.42
CA GLY A 193 5.40 -5.97 12.61
C GLY A 193 4.56 -5.49 13.79
N ALA A 194 4.15 -6.42 14.64
CA ALA A 194 3.40 -6.07 15.85
C ALA A 194 4.29 -5.32 16.81
N ILE A 195 5.54 -5.76 16.90
CA ILE A 195 6.55 -5.06 17.66
C ILE A 195 7.70 -4.82 16.69
N LYS A 196 8.48 -3.76 16.92
CA LYS A 196 9.69 -3.49 16.15
C LYS A 196 10.76 -2.93 17.09
N ASP A 197 11.63 -3.80 17.57
CA ASP A 197 12.68 -3.42 18.50
C ASP A 197 13.98 -4.19 18.27
N HIS A 201 16.50 -9.85 18.32
CA HIS A 201 17.62 -9.91 17.38
C HIS A 201 17.12 -10.20 15.97
N LEU A 202 17.38 -9.27 15.05
CA LEU A 202 16.77 -9.32 13.73
C LEU A 202 17.22 -10.53 12.90
N ASP A 203 18.48 -10.92 13.05
CA ASP A 203 18.99 -12.11 12.33
C ASP A 203 18.22 -13.37 12.71
N GLU A 204 17.94 -13.53 14.00
CA GLU A 204 17.20 -14.70 14.46
C GLU A 204 15.73 -14.66 14.02
N VAL A 205 15.19 -13.45 13.88
CA VAL A 205 13.84 -13.27 13.37
C VAL A 205 13.78 -13.71 11.92
N ALA A 206 14.79 -13.29 11.13
CA ALA A 206 14.88 -13.67 9.72
C ALA A 206 15.09 -15.17 9.54
N ILE A 207 15.87 -15.77 10.44
CA ILE A 207 16.11 -17.21 10.42
C ILE A 207 14.81 -17.94 10.69
N TYR A 208 14.08 -17.45 11.69
CA TYR A 208 12.78 -18.05 12.02
C TYR A 208 11.81 -17.97 10.84
N GLY A 209 11.76 -16.80 10.20
CA GLY A 209 10.88 -16.60 9.06
C GLY A 209 11.26 -17.48 7.88
N LEU A 210 12.55 -17.55 7.60
CA LEU A 210 13.04 -18.45 6.56
C LEU A 210 12.68 -19.90 6.84
N ASN A 211 12.98 -20.39 8.04
CA ASN A 211 12.67 -21.77 8.36
C ASN A 211 11.17 -22.04 8.26
N PHE A 212 10.36 -21.07 8.68
CA PHE A 212 8.91 -21.20 8.53
C PHE A 212 8.57 -21.40 7.06
N LEU A 213 9.12 -20.58 6.17
CA LEU A 213 8.78 -20.69 4.75
C LEU A 213 9.32 -21.98 4.12
N ILE A 214 10.52 -22.40 4.52
CA ILE A 214 11.09 -23.65 4.03
C ILE A 214 10.19 -24.84 4.40
N GLN A 215 9.71 -24.83 5.63
CA GLN A 215 8.88 -25.92 6.10
C GLN A 215 7.44 -25.84 5.59
N ASN A 216 6.95 -24.64 5.28
CA ASN A 216 5.53 -24.53 4.92
C ASN A 216 5.17 -24.08 3.50
N ASP A 217 6.10 -23.47 2.79
CA ASP A 217 5.79 -22.99 1.43
C ASP A 217 7.08 -22.89 0.62
N LEU A 218 7.82 -23.99 0.58
CA LEU A 218 9.15 -23.98 0.00
C LEU A 218 9.18 -23.51 -1.47
N ALA A 219 8.25 -24.02 -2.27
CA ALA A 219 8.25 -23.70 -3.70
C ALA A 219 8.00 -22.21 -3.90
N ARG A 220 7.15 -21.64 -3.05
CA ARG A 220 6.82 -20.23 -3.14
C ARG A 220 8.01 -19.36 -2.79
N LEU A 221 8.73 -19.72 -1.74
CA LEU A 221 9.95 -19.00 -1.35
C LEU A 221 10.96 -19.02 -2.50
N LYS A 222 11.12 -20.20 -3.08
CA LYS A 222 12.04 -20.37 -4.20
C LYS A 222 11.63 -19.52 -5.39
N SER A 223 10.35 -19.54 -5.73
CA SER A 223 9.85 -18.79 -6.86
C SER A 223 9.98 -17.29 -6.63
N HIS A 224 9.75 -16.87 -5.40
CA HIS A 224 9.78 -15.45 -5.06
C HIS A 224 11.17 -14.85 -5.19
N TYR A 225 12.19 -15.57 -4.74
CA TYR A 225 13.54 -15.01 -4.88
C TYR A 225 14.25 -15.55 -6.12
N ASN A 226 13.58 -16.44 -6.85
CA ASN A 226 14.16 -17.09 -8.03
C ASN A 226 15.49 -17.77 -7.68
N ILE A 227 15.44 -18.64 -6.67
CA ILE A 227 16.61 -19.36 -6.20
C ILE A 227 16.35 -20.86 -6.10
N GLU A 228 17.43 -21.61 -5.93
CA GLU A 228 17.37 -23.05 -5.72
C GLU A 228 18.48 -23.31 -4.71
N VAL A 229 18.20 -24.08 -3.67
CA VAL A 229 19.13 -24.21 -2.57
C VAL A 229 19.15 -25.68 -2.18
N PRO A 230 20.35 -26.24 -1.96
CA PRO A 230 20.48 -27.65 -1.55
C PRO A 230 19.66 -27.96 -0.31
N GLU A 231 18.97 -29.10 -0.31
CA GLU A 231 18.09 -29.41 0.82
C GLU A 231 18.86 -29.75 2.09
N ASP A 232 20.14 -30.07 1.98
CA ASP A 232 20.93 -30.35 3.17
C ASP A 232 21.77 -29.16 3.63
N ALA A 233 21.56 -28.01 2.98
CA ALA A 233 22.26 -26.79 3.37
C ALA A 233 21.76 -26.24 4.70
N GLU A 234 22.64 -25.59 5.46
CA GLU A 234 22.20 -24.87 6.65
C GLU A 234 21.70 -23.50 6.22
N ILE A 235 21.03 -22.80 7.13
CA ILE A 235 20.24 -21.62 6.78
C ILE A 235 21.08 -20.49 6.14
N ILE A 236 22.37 -20.46 6.49
CA ILE A 236 23.27 -19.45 5.93
C ILE A 236 23.28 -19.49 4.41
N ALA A 237 23.12 -20.68 3.83
CA ALA A 237 23.13 -20.84 2.39
C ALA A 237 21.89 -20.23 1.74
N TRP A 238 20.79 -20.17 2.49
CA TRP A 238 19.62 -19.44 2.00
C TRP A 238 19.91 -17.95 2.00
N PHE A 239 20.50 -17.46 3.10
CA PHE A 239 20.91 -16.05 3.10
C PHE A 239 21.85 -15.73 1.93
N ASP A 240 22.81 -16.61 1.68
CA ASP A 240 23.77 -16.39 0.62
C ASP A 240 23.11 -16.43 -0.74
N ALA A 241 22.21 -17.38 -0.96
CA ALA A 241 21.53 -17.51 -2.25
C ALA A 241 20.72 -16.24 -2.55
N ILE A 242 19.99 -15.77 -1.55
CA ILE A 242 19.20 -14.57 -1.72
C ILE A 242 20.09 -13.35 -2.00
N GLY A 243 21.12 -13.17 -1.19
CA GLY A 243 22.03 -12.05 -1.36
C GLY A 243 22.67 -12.04 -2.74
N LYS A 244 23.13 -13.21 -3.19
CA LYS A 244 23.78 -13.33 -4.50
C LYS A 244 22.81 -13.03 -5.62
N LYS A 245 21.60 -13.59 -5.56
CA LYS A 245 20.63 -13.41 -6.62
C LYS A 245 20.13 -11.97 -6.74
N ARG A 246 20.02 -11.27 -5.61
CA ARG A 246 19.57 -9.88 -5.64
C ARG A 246 20.74 -8.89 -5.65
N GLY A 247 21.95 -9.42 -5.63
CA GLY A 247 23.13 -8.58 -5.68
C GLY A 247 23.36 -7.73 -4.44
N LEU A 248 22.85 -8.16 -3.28
CA LEU A 248 23.19 -7.44 -2.05
C LEU A 248 24.58 -7.85 -1.63
N ILE A 249 25.56 -7.14 -2.15
CA ILE A 249 26.97 -7.52 -2.07
C ILE A 249 27.80 -6.42 -1.42
N ARG A 250 28.84 -6.79 -0.67
CA ARG A 250 29.70 -5.78 -0.05
C ARG A 250 31.17 -6.14 -0.24
N ARG A 251 32.01 -5.11 -0.33
CA ARG A 251 33.48 -5.24 -0.30
C ARG A 251 34.03 -6.37 -1.19
N GLY A 252 33.60 -6.34 -2.45
CA GLY A 252 33.94 -7.38 -3.40
C GLY A 252 32.73 -8.21 -3.66
N ASN A 253 32.78 -9.49 -3.29
CA ASN A 253 31.58 -10.30 -3.45
C ASN A 253 31.19 -11.00 -2.16
N GLU A 254 31.44 -10.35 -1.03
CA GLU A 254 30.91 -10.82 0.25
C GLU A 254 29.43 -10.46 0.34
N ILE A 255 28.67 -11.29 1.04
CA ILE A 255 27.23 -11.07 1.15
C ILE A 255 26.95 -9.97 2.16
N ASP A 256 26.11 -9.02 1.78
CA ASP A 256 25.64 -7.97 2.68
C ASP A 256 24.52 -8.53 3.55
N TYR A 257 24.88 -9.20 4.65
CA TYR A 257 23.88 -9.92 5.45
C TYR A 257 22.80 -9.03 6.08
N GLU A 258 23.17 -7.86 6.61
CA GLU A 258 22.16 -7.04 7.25
C GLU A 258 21.13 -6.56 6.22
N ALA A 259 21.58 -6.32 4.98
CA ALA A 259 20.63 -5.99 3.92
C ALA A 259 19.72 -7.18 3.57
N VAL A 260 20.28 -8.39 3.56
CA VAL A 260 19.47 -9.57 3.23
C VAL A 260 18.45 -9.82 4.33
N ILE A 261 18.89 -9.74 5.57
CA ILE A 261 18.01 -9.90 6.73
C ILE A 261 16.87 -8.87 6.67
N GLU A 262 17.22 -7.64 6.33
CA GLU A 262 16.22 -6.58 6.23
C GLU A 262 15.22 -6.86 5.10
N LEU A 263 15.71 -7.41 3.99
CA LEU A 263 14.84 -7.69 2.85
C LEU A 263 13.86 -8.82 3.18
N ILE A 264 14.38 -9.85 3.85
CA ILE A 264 13.53 -10.99 4.22
C ILE A 264 12.43 -10.53 5.19
N ILE A 265 12.84 -9.81 6.23
CA ILE A 265 11.87 -9.31 7.20
C ILE A 265 10.82 -8.41 6.54
N TYR A 266 11.25 -7.52 5.64
CA TYR A 266 10.30 -6.71 4.89
C TYR A 266 9.32 -7.56 4.07
N ASP A 267 9.86 -8.55 3.36
CA ASP A 267 9.02 -9.35 2.47
C ASP A 267 8.02 -10.18 3.25
N ILE A 268 8.40 -10.63 4.44
CA ILE A 268 7.47 -11.38 5.28
C ILE A 268 6.43 -10.47 5.95
N ARG A 269 6.89 -9.38 6.57
CA ARG A 269 5.96 -8.41 7.19
C ARG A 269 4.90 -7.88 6.23
N ASN A 270 5.26 -7.70 4.97
CA ASN A 270 4.36 -7.08 4.02
C ASN A 270 3.70 -8.04 3.04
N ALA A 271 3.75 -9.32 3.37
CA ALA A 271 3.05 -10.34 2.60
C ALA A 271 3.46 -10.33 1.13
N LYS A 272 4.75 -10.05 0.89
CA LYS A 272 5.30 -10.06 -0.46
C LYS A 272 5.56 -11.48 -0.99
N ILE A 273 5.66 -12.45 -0.10
CA ILE A 273 5.92 -13.82 -0.55
C ILE A 273 4.62 -14.63 -0.59
N GLY A 274 3.82 -14.48 0.46
CA GLY A 274 2.49 -15.06 0.47
C GLY A 274 1.71 -14.61 1.69
N ASN A 275 0.54 -15.22 1.86
CA ASN A 275 -0.35 -14.90 2.96
C ASN A 275 -0.35 -16.05 3.95
N TYR A 276 0.29 -15.82 5.10
CA TYR A 276 0.55 -16.90 6.05
C TYR A 276 -0.03 -16.64 7.43
N CYS A 277 -0.40 -17.72 8.10
CA CYS A 277 -0.68 -17.69 9.52
C CYS A 277 0.46 -18.39 10.26
N PHE A 278 1.22 -17.64 11.05
CA PHE A 278 2.44 -18.16 11.67
C PHE A 278 2.13 -18.97 12.91
N ASP A 279 0.90 -18.84 13.40
CA ASP A 279 0.45 -19.67 14.49
C ASP A 279 -0.07 -20.98 13.90
N ILE A 280 0.73 -22.04 13.96
CA ILE A 280 0.30 -23.32 13.43
C ILE A 280 -0.36 -24.10 14.55
N PHE A 281 -1.68 -24.25 14.48
CA PHE A 281 -2.47 -24.83 15.58
C PHE A 281 -1.93 -26.18 16.07
N LYS A 282 -1.67 -27.08 15.12
CA LYS A 282 -1.24 -28.43 15.46
C LYS A 282 0.12 -28.44 16.19
N ASP A 283 0.92 -27.41 15.95
CA ASP A 283 2.26 -27.33 16.55
C ASP A 283 2.27 -26.70 17.94
N MET A 284 1.13 -26.17 18.36
CA MET A 284 1.06 -25.34 19.55
C MET A 284 0.32 -26.01 20.67
N THR A 285 0.04 -27.30 20.49
CA THR A 285 -0.80 -28.04 21.44
C THR A 285 -0.29 -27.93 22.88
N GLU A 286 1.02 -27.97 23.10
CA GLU A 286 1.56 -27.90 24.46
C GLU A 286 1.35 -26.52 25.09
N GLU A 287 1.63 -25.47 24.33
CA GLU A 287 1.42 -24.10 24.80
C GLU A 287 -0.06 -23.89 25.15
N LEU A 288 -0.94 -24.49 24.35
CA LEU A 288 -2.37 -24.39 24.60
C LEU A 288 -2.73 -25.12 25.88
N ALA A 289 -2.14 -26.30 26.07
CA ALA A 289 -2.40 -27.11 27.25
C ALA A 289 -1.97 -26.33 28.48
N ASN A 290 -0.83 -25.65 28.35
CA ASN A 290 -0.28 -24.83 29.41
C ASN A 290 -1.18 -23.66 29.79
N ASP A 291 -1.72 -22.99 28.78
CA ASP A 291 -2.51 -21.78 29.02
C ASP A 291 -3.89 -22.07 29.57
N ALA A 292 -4.39 -23.28 29.33
CA ALA A 292 -5.74 -23.68 29.74
C ALA A 292 -5.84 -23.92 31.24
N VAL B 2 12.02 22.50 -11.62
CA VAL B 2 12.50 21.35 -10.86
C VAL B 2 12.28 21.51 -9.34
N ILE B 3 11.51 20.59 -8.77
CA ILE B 3 11.20 20.61 -7.35
C ILE B 3 12.23 19.92 -6.44
N GLN B 4 12.68 20.64 -5.42
CA GLN B 4 13.62 20.09 -4.46
C GLN B 4 12.84 19.43 -3.34
N TRP B 5 12.97 18.12 -3.23
CA TRP B 5 12.18 17.40 -2.25
C TRP B 5 12.92 17.24 -0.91
N TYR B 6 13.40 18.35 -0.37
CA TYR B 6 13.95 18.33 0.97
C TYR B 6 12.78 17.99 1.90
N PRO B 7 13.05 17.35 3.03
CA PRO B 7 12.02 16.76 3.90
C PRO B 7 10.88 17.71 4.22
N GLY B 8 11.21 18.98 4.47
CA GLY B 8 10.20 19.98 4.78
C GLY B 8 9.22 20.17 3.64
N HIS B 9 9.74 20.21 2.42
CA HIS B 9 8.89 20.40 1.25
C HIS B 9 8.00 19.19 1.01
N MET B 10 8.52 17.99 1.30
CA MET B 10 7.73 16.77 1.21
C MET B 10 6.56 16.75 2.21
N ALA B 11 6.86 17.14 3.45
CA ALA B 11 5.84 17.17 4.48
C ALA B 11 4.78 18.22 4.13
N LYS B 12 5.24 19.33 3.58
CA LYS B 12 4.34 20.40 3.20
C LYS B 12 3.40 19.95 2.08
N ALA B 13 3.96 19.20 1.13
CA ALA B 13 3.17 18.77 -0.01
C ALA B 13 2.11 17.77 0.45
N LYS B 14 2.52 16.87 1.34
CA LYS B 14 1.56 15.89 1.85
C LYS B 14 0.41 16.58 2.60
N ARG B 15 0.77 17.59 3.40
CA ARG B 15 -0.22 18.37 4.13
C ARG B 15 -1.20 19.11 3.20
N GLU B 16 -0.66 19.85 2.25
CA GLU B 16 -1.48 20.61 1.32
C GLU B 16 -2.38 19.73 0.46
N VAL B 17 -1.84 18.63 -0.04
CA VAL B 17 -2.62 17.75 -0.89
C VAL B 17 -3.75 17.10 -0.12
N SER B 18 -3.47 16.59 1.07
CA SER B 18 -4.57 16.06 1.90
C SER B 18 -5.65 17.15 2.13
N GLU B 19 -5.21 18.37 2.41
CA GLU B 19 -6.14 19.49 2.56
C GLU B 19 -7.03 19.73 1.34
N GLN B 20 -6.42 19.75 0.17
CA GLN B 20 -7.18 19.87 -1.07
C GLN B 20 -8.14 18.72 -1.25
N LEU B 21 -7.72 17.51 -0.87
CA LEU B 21 -8.55 16.33 -1.10
C LEU B 21 -9.80 16.39 -0.25
N LYS B 22 -9.74 17.10 0.87
CA LYS B 22 -10.97 17.25 1.65
C LYS B 22 -12.12 17.90 0.86
N LYS B 23 -11.81 18.72 -0.14
CA LYS B 23 -12.83 19.44 -0.92
C LYS B 23 -13.50 18.65 -2.05
N VAL B 24 -13.06 17.43 -2.31
CA VAL B 24 -13.48 16.75 -3.53
C VAL B 24 -14.19 15.44 -3.26
N ASP B 25 -14.98 15.01 -4.25
CA ASP B 25 -15.70 13.74 -4.24
C ASP B 25 -14.87 12.63 -4.85
N VAL B 26 -14.00 13.00 -5.78
CA VAL B 26 -13.22 12.06 -6.55
C VAL B 26 -11.86 12.66 -6.85
N VAL B 27 -10.83 11.82 -6.81
CA VAL B 27 -9.46 12.20 -7.16
C VAL B 27 -9.02 11.52 -8.46
N PHE B 28 -8.45 12.33 -9.36
CA PHE B 28 -7.82 11.81 -10.55
C PHE B 28 -6.32 11.61 -10.26
N GLU B 29 -5.88 10.38 -10.11
CA GLU B 29 -4.46 10.12 -9.92
C GLU B 29 -3.81 9.99 -11.28
N LEU B 30 -2.96 10.94 -11.62
CA LEU B 30 -2.36 10.92 -12.94
C LEU B 30 -1.02 10.21 -12.94
N VAL B 31 -0.89 9.21 -13.81
CA VAL B 31 0.36 8.52 -13.93
C VAL B 31 0.86 8.52 -15.36
N ASP B 32 2.13 8.18 -15.54
CA ASP B 32 2.72 8.09 -16.88
C ASP B 32 2.37 6.70 -17.45
N ALA B 33 1.70 6.66 -18.60
CA ALA B 33 1.37 5.38 -19.24
C ALA B 33 2.61 4.54 -19.59
N ARG B 34 3.76 5.19 -19.67
CA ARG B 34 5.01 4.48 -19.95
C ARG B 34 5.52 3.74 -18.72
N ILE B 35 5.10 4.20 -17.55
CA ILE B 35 5.43 3.54 -16.29
C ILE B 35 4.31 3.73 -15.26
N PRO B 36 3.17 3.06 -15.48
CA PRO B 36 1.97 3.31 -14.67
C PRO B 36 2.18 3.05 -13.19
N TYR B 37 3.07 2.12 -12.86
CA TYR B 37 3.31 1.82 -11.47
C TYR B 37 4.48 2.62 -10.92
N SER B 38 5.56 2.71 -11.69
CA SER B 38 6.78 3.36 -11.19
C SER B 38 6.62 4.88 -11.13
N SER B 39 5.59 5.45 -11.77
CA SER B 39 5.45 6.91 -11.72
C SER B 39 4.43 7.35 -10.65
N ARG B 40 4.13 6.47 -9.71
CA ARG B 40 3.21 6.81 -8.63
C ARG B 40 3.98 7.32 -7.40
N ASN B 41 3.36 8.24 -6.65
CA ASN B 41 3.96 8.65 -5.37
C ASN B 41 3.95 7.49 -4.37
N PRO B 42 5.06 7.28 -3.65
CA PRO B 42 5.14 6.09 -2.79
C PRO B 42 4.13 6.05 -1.64
N MET B 43 3.55 7.19 -1.28
CA MET B 43 2.55 7.22 -0.22
C MET B 43 1.19 7.62 -0.73
N ILE B 44 0.95 7.36 -2.01
CA ILE B 44 -0.25 7.86 -2.65
C ILE B 44 -1.51 7.32 -2.00
N ASP B 45 -1.47 6.08 -1.54
CA ASP B 45 -2.66 5.47 -0.95
C ASP B 45 -2.96 6.04 0.44
N GLU B 46 -1.91 6.31 1.20
CA GLU B 46 -2.10 7.00 2.48
C GLU B 46 -2.69 8.40 2.27
N VAL B 47 -2.20 9.12 1.27
CA VAL B 47 -2.71 10.47 1.01
C VAL B 47 -4.15 10.45 0.49
N ILE B 48 -4.47 9.53 -0.42
CA ILE B 48 -5.82 9.50 -1.00
C ILE B 48 -6.85 8.89 -0.04
N ASN B 49 -6.44 7.88 0.72
CA ASN B 49 -7.25 7.33 1.80
C ASN B 49 -8.66 6.93 1.37
N GLN B 50 -8.77 6.09 0.33
CA GLN B 50 -10.05 5.54 -0.13
C GLN B 50 -11.05 6.51 -0.73
N LYS B 51 -10.65 7.76 -0.97
CA LYS B 51 -11.42 8.63 -1.83
C LYS B 51 -11.67 7.91 -3.16
N PRO B 52 -12.89 8.01 -3.72
CA PRO B 52 -13.12 7.44 -5.07
C PRO B 52 -12.03 7.89 -6.06
N ARG B 53 -11.50 6.97 -6.86
CA ARG B 53 -10.29 7.25 -7.64
C ARG B 53 -10.39 6.88 -9.13
N VAL B 54 -10.16 7.86 -10.00
CA VAL B 54 -9.89 7.61 -11.42
C VAL B 54 -8.38 7.62 -11.61
N VAL B 55 -7.82 6.54 -12.13
CA VAL B 55 -6.39 6.53 -12.44
C VAL B 55 -6.25 6.83 -13.90
N ILE B 56 -5.58 7.92 -14.23
CA ILE B 56 -5.42 8.33 -15.62
C ILE B 56 -3.99 8.05 -16.08
N LEU B 57 -3.87 7.15 -17.06
CA LEU B 57 -2.60 6.81 -17.68
C LEU B 57 -2.40 7.78 -18.82
N ASN B 58 -1.62 8.82 -18.57
CA ASN B 58 -1.42 9.89 -19.55
C ASN B 58 -0.24 9.57 -20.45
N LYS B 59 -0.14 10.26 -21.57
CA LYS B 59 0.93 10.02 -22.57
C LYS B 59 0.79 8.64 -23.17
N LYS B 60 -0.45 8.19 -23.35
CA LYS B 60 -0.69 6.90 -23.97
C LYS B 60 -0.08 6.84 -25.36
N ASP B 61 0.09 8.01 -26.00
CA ASP B 61 0.70 8.08 -27.32
C ASP B 61 2.18 7.68 -27.31
N MET B 62 2.80 7.69 -26.13
CA MET B 62 4.21 7.31 -26.06
C MET B 62 4.43 5.91 -25.51
N SER B 63 3.37 5.19 -25.23
CA SER B 63 3.46 3.91 -24.58
C SER B 63 2.89 2.75 -25.38
N ASN B 64 2.90 1.57 -24.80
CA ASN B 64 2.40 0.35 -25.40
C ASN B 64 1.05 -0.06 -24.81
N LEU B 65 0.04 -0.13 -25.65
CA LEU B 65 -1.29 -0.41 -25.21
C LEU B 65 -1.47 -1.72 -24.51
N ASN B 66 -0.81 -2.76 -25.00
CA ASN B 66 -0.93 -4.06 -24.40
C ASN B 66 -0.40 -4.14 -22.99
N GLU B 67 0.76 -3.57 -22.78
CA GLU B 67 1.33 -3.56 -21.45
C GLU B 67 0.48 -2.70 -20.53
N MET B 68 -0.02 -1.60 -21.04
CA MET B 68 -0.87 -0.71 -20.31
C MET B 68 -2.13 -1.39 -19.84
N SER B 69 -2.72 -2.23 -20.69
CA SER B 69 -3.94 -2.89 -20.33
C SER B 69 -3.67 -3.83 -19.17
N LYS B 70 -2.45 -4.38 -19.10
CA LYS B 70 -2.10 -5.16 -17.90
C LYS B 70 -2.13 -4.32 -16.60
N TRP B 71 -1.63 -3.09 -16.69
CA TRP B 71 -1.69 -2.23 -15.51
C TRP B 71 -3.12 -1.75 -15.21
N GLU B 72 -3.92 -1.54 -16.24
CA GLU B 72 -5.33 -1.19 -16.04
C GLU B 72 -6.05 -2.30 -15.29
N GLN B 73 -5.80 -3.55 -15.68
CA GLN B 73 -6.34 -4.66 -14.93
C GLN B 73 -5.93 -4.60 -13.46
N PHE B 74 -4.64 -4.35 -13.23
CA PHE B 74 -4.18 -4.13 -11.86
C PHE B 74 -4.98 -3.07 -11.09
N PHE B 75 -5.19 -1.90 -11.69
CA PHE B 75 -5.93 -0.82 -11.02
C PHE B 75 -7.41 -1.17 -10.82
N ILE B 76 -7.99 -1.89 -11.79
CA ILE B 76 -9.38 -2.35 -11.67
C ILE B 76 -9.51 -3.28 -10.47
N ASP B 77 -8.53 -4.17 -10.31
CA ASP B 77 -8.53 -5.09 -9.18
C ASP B 77 -8.43 -4.36 -7.82
N LYS B 78 -7.88 -3.15 -7.83
CA LYS B 78 -7.80 -2.35 -6.62
C LYS B 78 -9.05 -1.54 -6.38
N GLY B 79 -10.02 -1.61 -7.28
CA GLY B 79 -11.25 -0.86 -7.14
C GLY B 79 -11.13 0.57 -7.62
N TYR B 80 -10.12 0.85 -8.44
CA TYR B 80 -10.04 2.16 -9.07
C TYR B 80 -10.62 2.06 -10.47
N TYR B 81 -10.79 3.20 -11.11
CA TYR B 81 -11.33 3.29 -12.47
C TYR B 81 -10.28 3.84 -13.42
N PRO B 82 -9.57 2.95 -14.12
CA PRO B 82 -8.50 3.45 -14.99
C PRO B 82 -8.95 3.86 -16.38
N VAL B 83 -8.38 4.94 -16.90
CA VAL B 83 -8.60 5.37 -18.28
C VAL B 83 -7.25 5.79 -18.83
N SER B 84 -7.07 5.73 -20.15
CA SER B 84 -5.85 6.28 -20.73
C SER B 84 -6.17 7.44 -21.64
N VAL B 85 -5.31 8.45 -21.65
CA VAL B 85 -5.51 9.64 -22.47
C VAL B 85 -4.20 10.18 -23.03
N ASP B 86 -4.31 11.01 -24.07
CA ASP B 86 -3.18 11.81 -24.53
C ASP B 86 -3.55 13.25 -24.25
N ALA B 87 -3.12 13.76 -23.11
CA ALA B 87 -3.58 15.08 -22.69
C ALA B 87 -3.05 16.18 -23.61
N LYS B 88 -1.92 15.92 -24.25
CA LYS B 88 -1.26 16.94 -25.05
C LYS B 88 -1.97 17.12 -26.39
N HIS B 89 -2.28 16.01 -27.06
CA HIS B 89 -2.87 16.07 -28.38
C HIS B 89 -4.39 15.91 -28.32
N GLY B 90 -4.93 15.89 -27.11
CA GLY B 90 -6.37 16.05 -26.90
C GLY B 90 -7.14 14.79 -27.24
N LYS B 91 -6.53 13.64 -26.97
CA LYS B 91 -7.14 12.36 -27.34
C LYS B 91 -7.76 11.58 -26.16
N ASN B 92 -9.07 11.40 -26.27
CA ASN B 92 -9.98 10.60 -25.43
C ASN B 92 -10.44 11.31 -24.16
N LEU B 93 -10.59 12.63 -24.23
CA LEU B 93 -10.71 13.45 -23.02
C LEU B 93 -12.07 13.33 -22.31
N LYS B 94 -13.16 13.19 -23.06
CA LYS B 94 -14.50 13.01 -22.48
C LYS B 94 -14.61 11.78 -21.57
N LYS B 95 -13.69 10.83 -21.72
CA LYS B 95 -13.73 9.69 -20.83
C LYS B 95 -13.43 10.06 -19.38
N VAL B 96 -12.88 11.25 -19.15
CA VAL B 96 -12.52 11.63 -17.79
C VAL B 96 -13.80 11.87 -16.98
N GLU B 97 -14.64 12.81 -17.40
CA GLU B 97 -15.93 13.03 -16.73
C GLU B 97 -16.73 11.73 -16.58
N ALA B 98 -16.78 10.94 -17.65
CA ALA B 98 -17.50 9.67 -17.60
C ALA B 98 -16.97 8.80 -16.47
N ALA B 99 -15.64 8.67 -16.38
CA ALA B 99 -15.05 7.87 -15.33
C ALA B 99 -15.40 8.42 -13.97
N ALA B 100 -15.37 9.75 -13.84
CA ALA B 100 -15.67 10.35 -12.53
C ALA B 100 -17.11 10.01 -12.18
N ILE B 101 -17.98 10.03 -13.18
CA ILE B 101 -19.40 9.77 -12.91
C ILE B 101 -19.51 8.36 -12.38
N LYS B 102 -18.77 7.43 -13.01
CA LYS B 102 -18.84 6.04 -12.58
C LYS B 102 -18.25 5.88 -11.19
N ALA B 103 -17.20 6.65 -10.90
CA ALA B 103 -16.45 6.43 -9.68
C ALA B 103 -17.23 6.94 -8.48
N THR B 104 -18.12 7.89 -8.72
CA THR B 104 -18.89 8.50 -7.64
C THR B 104 -20.35 8.05 -7.65
N ALA B 105 -20.69 7.10 -8.52
CA ALA B 105 -22.09 6.70 -8.71
C ALA B 105 -22.72 6.28 -7.39
N GLU B 106 -22.04 5.42 -6.64
CA GLU B 106 -22.57 4.85 -5.42
C GLU B 106 -22.86 5.93 -4.36
N LYS B 107 -21.89 6.81 -4.15
CA LYS B 107 -22.05 7.95 -3.24
C LYS B 107 -23.28 8.79 -3.57
N PHE B 108 -23.44 9.16 -4.83
CA PHE B 108 -24.55 10.01 -5.23
C PHE B 108 -25.91 9.29 -5.31
N GLU B 109 -25.90 7.97 -5.49
CA GLU B 109 -27.13 7.20 -5.34
C GLU B 109 -27.59 7.25 -3.90
N ARG B 110 -26.66 7.09 -2.96
CA ARG B 110 -27.02 7.19 -1.56
C ARG B 110 -27.48 8.59 -1.17
N GLU B 111 -26.80 9.61 -1.68
CA GLU B 111 -27.27 10.98 -1.46
C GLU B 111 -28.69 11.19 -1.96
N LYS B 112 -28.94 10.74 -3.19
CA LYS B 112 -30.24 10.88 -3.82
C LYS B 112 -31.32 10.14 -3.02
N ALA B 113 -30.97 8.95 -2.52
CA ALA B 113 -31.91 8.14 -1.74
C ALA B 113 -32.30 8.81 -0.43
N LYS B 114 -31.38 9.55 0.19
CA LYS B 114 -31.71 10.27 1.42
C LYS B 114 -32.22 11.68 1.18
N GLY B 115 -32.57 11.99 -0.07
CA GLY B 115 -33.25 13.24 -0.37
C GLY B 115 -32.47 14.44 -0.90
N LEU B 116 -31.15 14.32 -1.01
CA LEU B 116 -30.35 15.46 -1.44
C LEU B 116 -30.50 15.77 -2.93
N LYS B 117 -30.35 17.04 -3.26
CA LYS B 117 -30.34 17.54 -4.63
C LYS B 117 -29.15 16.99 -5.43
N PRO B 118 -29.31 16.84 -6.75
CA PRO B 118 -28.12 16.57 -7.56
C PRO B 118 -27.20 17.78 -7.57
N ARG B 119 -25.90 17.55 -7.62
CA ARG B 119 -24.93 18.64 -7.63
C ARG B 119 -23.74 18.26 -8.49
N ALA B 120 -22.87 19.22 -8.76
CA ALA B 120 -21.65 18.94 -9.52
C ALA B 120 -20.73 18.01 -8.75
N ILE B 121 -20.15 17.06 -9.47
CA ILE B 121 -19.06 16.26 -8.93
C ILE B 121 -17.84 17.15 -8.85
N ARG B 122 -17.17 17.12 -7.70
CA ARG B 122 -15.95 17.90 -7.50
C ARG B 122 -14.73 17.02 -7.61
N ALA B 123 -13.76 17.44 -8.41
CA ALA B 123 -12.57 16.61 -8.63
C ALA B 123 -11.28 17.41 -8.51
N MET B 124 -10.17 16.71 -8.26
CA MET B 124 -8.86 17.31 -8.42
C MET B 124 -7.89 16.27 -8.99
N ILE B 125 -6.78 16.77 -9.53
CA ILE B 125 -5.74 15.93 -10.10
C ILE B 125 -4.54 15.95 -9.18
N VAL B 126 -3.96 14.78 -8.93
CA VAL B 126 -2.77 14.58 -8.11
C VAL B 126 -1.77 13.71 -8.87
N GLY B 127 -0.48 13.97 -8.67
CA GLY B 127 0.54 13.06 -9.19
C GLY B 127 1.93 13.67 -9.08
N ILE B 128 2.93 12.93 -9.54
CA ILE B 128 4.32 13.40 -9.49
C ILE B 128 4.56 14.42 -10.58
N PRO B 129 5.66 15.21 -10.47
CA PRO B 129 5.96 16.19 -11.51
C PRO B 129 6.21 15.57 -12.86
N ASN B 130 5.89 16.37 -13.88
CA ASN B 130 6.06 16.07 -15.30
C ASN B 130 5.16 14.96 -15.87
N VAL B 131 4.15 14.50 -15.13
CA VAL B 131 3.27 13.49 -15.72
C VAL B 131 2.17 14.06 -16.61
N GLY B 132 1.99 15.38 -16.60
CA GLY B 132 1.05 16.06 -17.49
C GLY B 132 -0.15 16.71 -16.82
N LYS B 133 -0.02 17.03 -15.54
CA LYS B 133 -1.15 17.57 -14.78
C LYS B 133 -1.63 18.93 -15.29
N SER B 134 -0.70 19.86 -15.52
CA SER B 134 -1.11 21.19 -15.99
C SER B 134 -1.61 21.13 -17.43
N THR B 135 -0.98 20.28 -18.24
CA THR B 135 -1.45 20.00 -19.58
C THR B 135 -2.90 19.51 -19.58
N LEU B 136 -3.20 18.55 -18.72
CA LEU B 136 -4.53 17.95 -18.64
C LEU B 136 -5.57 18.97 -18.13
N ILE B 137 -5.22 19.73 -17.09
CA ILE B 137 -6.11 20.78 -16.58
C ILE B 137 -6.40 21.81 -17.66
N ASN B 138 -5.36 22.26 -18.35
CA ASN B 138 -5.50 23.24 -19.43
C ASN B 138 -6.39 22.72 -20.55
N LYS B 139 -6.21 21.44 -20.89
CA LYS B 139 -6.97 20.88 -22.01
C LYS B 139 -8.44 20.69 -21.62
N LEU B 140 -8.67 20.32 -20.36
CA LEU B 140 -10.03 20.18 -19.86
C LEU B 140 -10.75 21.53 -19.72
N ALA B 141 -9.99 22.55 -19.37
CA ALA B 141 -10.51 23.91 -19.18
C ALA B 141 -10.72 24.64 -20.50
N LYS B 142 -10.07 24.14 -21.55
CA LYS B 142 -10.15 24.67 -22.91
C LYS B 142 -9.50 26.05 -23.05
N ARG B 143 -8.63 26.38 -22.10
CA ARG B 143 -7.87 27.62 -22.09
C ARG B 143 -6.63 27.39 -21.22
N SER B 144 -5.68 28.31 -21.25
CA SER B 144 -4.48 28.15 -20.41
C SER B 144 -4.66 28.66 -18.98
N ILE B 145 -4.74 27.72 -18.04
CA ILE B 145 -4.80 28.05 -16.62
C ILE B 145 -3.38 28.27 -16.09
N GLY B 149 -1.46 36.25 -10.26
CA GLY B 149 -1.80 37.37 -11.12
C GLY B 149 -0.70 37.63 -12.13
N ASN B 150 -1.01 38.35 -13.20
CA ASN B 150 -0.01 38.65 -14.21
C ASN B 150 0.97 39.70 -13.67
N LYS B 151 0.46 40.61 -12.86
CA LYS B 151 1.34 41.64 -12.27
C LYS B 151 2.17 41.05 -11.13
N PRO B 152 3.47 41.41 -11.10
CA PRO B 152 4.49 40.86 -10.21
C PRO B 152 4.15 40.69 -8.73
N GLY B 153 3.41 41.61 -8.11
CA GLY B 153 3.13 41.42 -6.69
C GLY B 153 2.09 40.34 -6.40
N VAL B 154 1.33 39.98 -7.44
CA VAL B 154 0.00 39.41 -7.25
C VAL B 154 -0.05 37.90 -7.37
N THR B 155 -0.60 37.29 -6.33
CA THR B 155 -0.66 35.84 -6.21
C THR B 155 -1.92 35.21 -6.80
N LYS B 156 -1.73 34.12 -7.53
CA LYS B 156 -2.82 33.31 -8.10
C LYS B 156 -3.69 32.66 -7.03
N GLN B 157 -5.01 32.77 -7.17
CA GLN B 157 -5.91 32.06 -6.27
C GLN B 157 -6.49 30.79 -6.90
N GLN B 158 -6.69 29.77 -6.07
CA GLN B 158 -7.17 28.47 -6.53
C GLN B 158 -8.67 28.52 -6.76
N GLN B 159 -9.14 28.03 -7.89
CA GLN B 159 -10.56 28.11 -8.19
C GLN B 159 -11.07 26.89 -8.93
N TRP B 160 -12.40 26.77 -9.00
CA TRP B 160 -13.03 25.65 -9.71
C TRP B 160 -13.23 25.96 -11.18
N ILE B 161 -13.06 24.93 -11.99
CA ILE B 161 -13.27 25.02 -13.43
C ILE B 161 -14.42 24.14 -13.81
N LYS B 162 -15.31 24.66 -14.64
CA LYS B 162 -16.39 23.85 -15.15
C LYS B 162 -15.89 22.97 -16.30
N VAL B 163 -16.06 21.67 -16.14
CA VAL B 163 -15.64 20.67 -17.15
C VAL B 163 -16.85 19.79 -17.49
N GLY B 164 -17.04 19.59 -18.79
CA GLY B 164 -18.21 18.91 -19.33
C GLY B 164 -19.50 19.53 -18.84
N ASN B 165 -20.49 18.69 -18.56
CA ASN B 165 -21.77 19.12 -18.04
C ASN B 165 -21.86 19.08 -16.53
N ALA B 166 -21.43 17.97 -15.94
CA ALA B 166 -21.58 17.77 -14.48
C ALA B 166 -20.26 17.71 -13.67
N LEU B 167 -19.16 18.23 -14.21
CA LEU B 167 -17.91 18.09 -13.50
C LEU B 167 -17.27 19.42 -13.07
N GLN B 168 -16.92 19.55 -11.80
CA GLN B 168 -16.14 20.70 -11.35
C GLN B 168 -14.73 20.28 -10.94
N LEU B 169 -13.75 20.87 -11.59
CA LEU B 169 -12.35 20.49 -11.42
C LEU B 169 -11.52 21.59 -10.76
N LEU B 170 -10.84 21.27 -9.67
CA LEU B 170 -9.92 22.23 -9.05
C LEU B 170 -8.87 22.59 -10.08
N ASP B 171 -8.57 23.87 -10.25
CA ASP B 171 -7.68 24.30 -11.32
C ASP B 171 -6.19 24.17 -10.94
N THR B 172 -5.94 23.67 -9.75
CA THR B 172 -4.58 23.54 -9.25
C THR B 172 -4.31 22.09 -8.87
N PRO B 173 -3.24 21.48 -9.42
CA PRO B 173 -3.01 20.07 -9.11
C PRO B 173 -2.38 19.88 -7.74
N GLY B 174 -2.45 18.66 -7.21
CA GLY B 174 -1.67 18.30 -6.04
C GLY B 174 -0.38 17.65 -6.51
N ILE B 175 0.75 18.24 -6.15
CA ILE B 175 2.05 17.73 -6.60
C ILE B 175 2.70 16.92 -5.48
N LEU B 176 2.96 15.65 -5.74
CA LEU B 176 3.66 14.80 -4.77
C LEU B 176 5.02 14.33 -5.33
N TRP B 177 5.86 13.75 -4.48
CA TRP B 177 7.22 13.37 -4.91
C TRP B 177 7.23 11.98 -5.51
N PRO B 178 8.20 11.71 -6.40
CA PRO B 178 8.35 10.37 -6.98
C PRO B 178 9.01 9.40 -6.01
N LYS B 179 9.00 8.13 -6.37
CA LYS B 179 9.70 7.11 -5.61
C LYS B 179 11.19 7.41 -5.70
N PHE B 180 11.88 7.36 -4.56
CA PHE B 180 13.29 7.76 -4.52
C PHE B 180 14.21 6.58 -4.21
N GLU B 181 13.71 5.60 -3.48
CA GLU B 181 14.56 4.64 -2.80
C GLU B 181 15.09 3.50 -3.68
N ASP B 182 14.39 3.18 -4.76
CA ASP B 182 14.82 2.05 -5.59
C ASP B 182 15.59 2.49 -6.85
N GLU B 183 16.71 1.83 -7.11
CA GLU B 183 17.61 2.19 -8.19
C GLU B 183 16.99 1.98 -9.58
N GLU B 184 16.28 0.88 -9.75
CA GLU B 184 15.68 0.59 -11.03
C GLU B 184 14.57 1.59 -11.33
N VAL B 185 13.75 1.90 -10.34
CA VAL B 185 12.72 2.92 -10.52
C VAL B 185 13.32 4.26 -10.88
N GLY B 186 14.44 4.65 -10.24
CA GLY B 186 15.12 5.87 -10.61
C GLY B 186 15.55 5.87 -12.07
N LYS B 187 16.06 4.73 -12.53
CA LYS B 187 16.45 4.64 -13.94
C LYS B 187 15.23 4.79 -14.86
N LYS B 188 14.12 4.16 -14.49
CA LYS B 188 12.88 4.32 -15.27
C LYS B 188 12.37 5.78 -15.28
N LEU B 189 12.46 6.44 -14.14
CA LEU B 189 11.99 7.81 -14.03
C LEU B 189 12.86 8.72 -14.89
N SER B 190 14.15 8.43 -14.93
CA SER B 190 15.06 9.24 -15.75
C SER B 190 14.82 8.98 -17.24
N LEU B 191 14.52 7.73 -17.58
CA LEU B 191 14.27 7.32 -18.97
C LEU B 191 13.00 7.94 -19.49
N THR B 192 12.12 8.34 -18.58
CA THR B 192 10.87 8.97 -19.01
C THR B 192 10.89 10.49 -18.82
N GLY B 193 11.98 11.02 -18.27
CA GLY B 193 12.10 12.46 -18.06
C GLY B 193 11.34 13.04 -16.87
N ALA B 194 10.88 12.17 -15.98
CA ALA B 194 10.23 12.59 -14.74
C ALA B 194 11.24 13.27 -13.81
N ILE B 195 12.48 12.80 -13.84
CA ILE B 195 13.54 13.45 -13.06
C ILE B 195 14.74 13.83 -13.95
N LYS B 196 15.59 14.70 -13.42
CA LYS B 196 16.77 15.19 -14.14
C LYS B 196 18.04 15.08 -13.30
N HIS B 201 23.11 8.40 -12.22
CA HIS B 201 24.23 8.35 -13.15
C HIS B 201 23.74 8.12 -14.57
N LEU B 202 24.02 9.07 -15.45
CA LEU B 202 23.43 9.05 -16.79
C LEU B 202 23.87 7.84 -17.60
N ASP B 203 25.14 7.44 -17.45
CA ASP B 203 25.62 6.26 -18.15
C ASP B 203 24.80 5.00 -17.78
N GLU B 204 24.49 4.85 -16.49
CA GLU B 204 23.75 3.67 -16.05
C GLU B 204 22.30 3.71 -16.56
N VAL B 205 21.76 4.92 -16.68
CA VAL B 205 20.42 5.09 -17.24
C VAL B 205 20.43 4.64 -18.70
N ALA B 206 21.47 5.05 -19.43
CA ALA B 206 21.58 4.68 -20.84
C ALA B 206 21.75 3.17 -21.03
N ILE B 207 22.50 2.54 -20.13
CA ILE B 207 22.75 1.10 -20.19
C ILE B 207 21.44 0.38 -19.95
N TYR B 208 20.70 0.83 -18.95
CA TYR B 208 19.39 0.24 -18.65
C TYR B 208 18.44 0.32 -19.84
N GLY B 209 18.40 1.50 -20.48
CA GLY B 209 17.53 1.71 -21.63
C GLY B 209 17.94 0.85 -22.81
N LEU B 210 19.24 0.80 -23.08
CA LEU B 210 19.72 -0.07 -24.16
C LEU B 210 19.34 -1.53 -23.92
N ASN B 211 19.66 -2.05 -22.74
CA ASN B 211 19.33 -3.43 -22.44
C ASN B 211 17.82 -3.69 -22.54
N PHE B 212 17.02 -2.71 -22.12
CA PHE B 212 15.58 -2.85 -22.30
C PHE B 212 15.24 -3.03 -23.79
N LEU B 213 15.79 -2.16 -24.65
CA LEU B 213 15.45 -2.25 -26.07
C LEU B 213 15.99 -3.54 -26.71
N ILE B 214 17.20 -3.95 -26.29
CA ILE B 214 17.81 -5.20 -26.76
C ILE B 214 16.91 -6.39 -26.43
N GLN B 215 16.36 -6.40 -25.22
CA GLN B 215 15.49 -7.50 -24.83
C GLN B 215 14.08 -7.43 -25.42
N ASN B 216 13.57 -6.23 -25.70
CA ASN B 216 12.18 -6.11 -26.07
C ASN B 216 11.87 -5.59 -27.48
N ASP B 217 12.86 -5.01 -28.16
CA ASP B 217 12.60 -4.48 -29.51
C ASP B 217 13.90 -4.37 -30.30
N LEU B 218 14.67 -5.46 -30.34
CA LEU B 218 16.02 -5.44 -30.90
C LEU B 218 16.10 -4.94 -32.35
N ALA B 219 15.23 -5.48 -33.20
CA ALA B 219 15.24 -5.14 -34.61
C ALA B 219 14.97 -3.65 -34.80
N ARG B 220 14.10 -3.11 -33.97
CA ARG B 220 13.75 -1.69 -34.04
C ARG B 220 14.92 -0.82 -33.63
N LEU B 221 15.61 -1.22 -32.57
CA LEU B 221 16.79 -0.49 -32.12
C LEU B 221 17.85 -0.45 -33.22
N LYS B 222 18.10 -1.62 -33.80
CA LYS B 222 19.10 -1.74 -34.86
C LYS B 222 18.74 -0.91 -36.07
N SER B 223 17.49 -1.03 -36.49
CA SER B 223 17.02 -0.32 -37.65
C SER B 223 17.08 1.19 -37.41
N HIS B 224 16.76 1.61 -36.19
CA HIS B 224 16.74 3.04 -35.84
C HIS B 224 18.11 3.66 -35.92
N TYR B 225 19.14 2.95 -35.44
CA TYR B 225 20.46 3.54 -35.54
C TYR B 225 21.20 3.06 -36.80
N ASN B 226 20.56 2.16 -37.55
CA ASN B 226 21.16 1.53 -38.72
C ASN B 226 22.49 0.91 -38.31
N ILE B 227 22.42 0.05 -37.30
CA ILE B 227 23.61 -0.62 -36.82
C ILE B 227 23.34 -2.11 -36.77
N GLU B 228 24.42 -2.87 -36.60
CA GLU B 228 24.35 -4.30 -36.46
C GLU B 228 25.42 -4.59 -35.42
N VAL B 229 25.10 -5.40 -34.42
CA VAL B 229 26.00 -5.58 -33.29
C VAL B 229 26.01 -7.07 -32.95
N PRO B 230 27.21 -7.63 -32.71
CA PRO B 230 27.30 -9.06 -32.36
C PRO B 230 26.46 -9.41 -31.14
N GLU B 231 25.75 -10.51 -31.17
CA GLU B 231 24.86 -10.80 -30.06
C GLU B 231 25.61 -11.13 -28.77
N ASP B 232 26.89 -11.51 -28.89
CA ASP B 232 27.67 -11.81 -27.69
C ASP B 232 28.52 -10.64 -27.20
N ALA B 233 28.36 -9.48 -27.83
CA ALA B 233 29.09 -8.29 -27.39
C ALA B 233 28.55 -7.76 -26.05
N GLU B 234 29.42 -7.15 -25.26
CA GLU B 234 28.97 -6.42 -24.07
C GLU B 234 28.46 -5.04 -24.46
N ILE B 235 27.75 -4.37 -23.55
CA ILE B 235 26.97 -3.18 -23.90
C ILE B 235 27.81 -2.04 -24.49
N ILE B 236 29.08 -2.00 -24.09
CA ILE B 236 30.01 -1.00 -24.59
C ILE B 236 30.06 -1.05 -26.12
N ALA B 237 29.88 -2.22 -26.69
CA ALA B 237 29.91 -2.37 -28.15
C ALA B 237 28.70 -1.69 -28.80
N TRP B 238 27.59 -1.61 -28.07
CA TRP B 238 26.44 -0.86 -28.58
C TRP B 238 26.76 0.64 -28.57
N PHE B 239 27.30 1.12 -27.45
CA PHE B 239 27.73 2.54 -27.39
C PHE B 239 28.72 2.89 -28.51
N ASP B 240 29.67 1.99 -28.74
CA ASP B 240 30.67 2.20 -29.78
C ASP B 240 30.04 2.19 -31.16
N ALA B 241 29.09 1.28 -31.39
CA ALA B 241 28.42 1.18 -32.69
C ALA B 241 27.62 2.44 -33.02
N ILE B 242 26.83 2.89 -32.06
CA ILE B 242 26.05 4.10 -32.29
C ILE B 242 26.98 5.31 -32.45
N GLY B 243 27.94 5.45 -31.55
CA GLY B 243 28.87 6.57 -31.60
C GLY B 243 29.62 6.66 -32.90
N LYS B 244 30.10 5.52 -33.37
CA LYS B 244 30.82 5.42 -34.63
C LYS B 244 29.90 5.77 -35.81
N LYS B 245 28.69 5.22 -35.79
CA LYS B 245 27.76 5.43 -36.90
C LYS B 245 27.34 6.90 -36.99
N ARG B 246 27.26 7.57 -35.84
CA ARG B 246 26.86 8.97 -35.80
C ARG B 246 28.03 9.98 -35.72
N GLY B 247 29.26 9.48 -35.73
CA GLY B 247 30.41 10.37 -35.70
C GLY B 247 30.62 11.15 -34.41
N LEU B 248 30.11 10.63 -33.30
CA LEU B 248 30.36 11.24 -31.99
C LEU B 248 31.74 10.84 -31.49
N ILE B 249 32.72 11.67 -31.84
CA ILE B 249 34.14 11.36 -31.65
C ILE B 249 34.88 12.46 -30.86
N ARG B 250 35.84 12.05 -30.02
CA ARG B 250 36.69 12.96 -29.25
C ARG B 250 38.14 12.43 -29.13
N ARG B 251 39.09 13.33 -28.90
CA ARG B 251 40.48 12.95 -28.62
C ARG B 251 41.05 12.05 -29.74
N GLY B 252 40.82 12.47 -30.97
CA GLY B 252 41.28 11.67 -32.08
C GLY B 252 40.10 10.94 -32.68
N ASN B 253 40.10 9.62 -32.52
CA ASN B 253 38.99 8.84 -33.02
C ASN B 253 38.36 7.94 -31.95
N GLU B 254 38.49 8.37 -30.70
CA GLU B 254 37.83 7.72 -29.58
C GLU B 254 36.33 8.08 -29.58
N ILE B 255 35.50 7.21 -29.03
CA ILE B 255 34.07 7.49 -29.00
C ILE B 255 33.74 8.55 -27.95
N ASP B 256 32.94 9.54 -28.34
CA ASP B 256 32.43 10.56 -27.43
C ASP B 256 31.26 9.98 -26.65
N TYR B 257 31.57 9.30 -25.55
CA TYR B 257 30.54 8.57 -24.81
C TYR B 257 29.46 9.49 -24.24
N GLU B 258 29.84 10.68 -23.76
CA GLU B 258 28.84 11.55 -23.14
C GLU B 258 27.79 11.97 -24.17
N ALA B 259 28.24 12.20 -25.40
CA ALA B 259 27.32 12.52 -26.50
C ALA B 259 26.41 11.35 -26.87
N VAL B 260 26.96 10.14 -26.84
CA VAL B 260 26.17 8.95 -27.17
C VAL B 260 25.12 8.71 -26.09
N ILE B 261 25.53 8.83 -24.84
CA ILE B 261 24.63 8.67 -23.70
C ILE B 261 23.49 9.69 -23.79
N GLU B 262 23.84 10.93 -24.13
CA GLU B 262 22.85 11.98 -24.30
C GLU B 262 21.88 11.66 -25.41
N LEU B 263 22.39 11.09 -26.48
CA LEU B 263 21.56 10.78 -27.63
C LEU B 263 20.58 9.65 -27.35
N ILE B 264 21.06 8.62 -26.68
CA ILE B 264 20.22 7.48 -26.35
C ILE B 264 19.10 7.91 -25.40
N ILE B 265 19.48 8.58 -24.32
CA ILE B 265 18.51 9.06 -23.35
C ILE B 265 17.51 10.01 -24.01
N TYR B 266 17.98 10.91 -24.88
CA TYR B 266 17.03 11.76 -25.63
C TYR B 266 16.06 10.94 -26.48
N ASP B 267 16.58 9.95 -27.21
CA ASP B 267 15.75 9.17 -28.12
C ASP B 267 14.73 8.32 -27.39
N ILE B 268 15.10 7.84 -26.20
CA ILE B 268 14.17 7.06 -25.40
C ILE B 268 13.12 7.97 -24.74
N ARG B 269 13.56 9.06 -24.09
CA ARG B 269 12.66 10.02 -23.42
C ARG B 269 11.59 10.55 -24.36
N ASN B 270 11.97 10.76 -25.62
CA ASN B 270 11.06 11.39 -26.56
C ASN B 270 10.45 10.42 -27.55
N ALA B 271 10.55 9.12 -27.24
CA ALA B 271 9.89 8.08 -28.02
C ALA B 271 10.29 8.13 -29.50
N LYS B 272 11.54 8.46 -29.76
CA LYS B 272 12.06 8.51 -31.13
C LYS B 272 12.33 7.12 -31.69
N ILE B 273 12.44 6.14 -30.80
CA ILE B 273 12.73 4.78 -31.25
C ILE B 273 11.46 3.96 -31.30
N GLY B 274 10.63 4.08 -30.27
CA GLY B 274 9.32 3.46 -30.30
C GLY B 274 8.48 3.87 -29.11
N ASN B 275 7.34 3.22 -28.96
CA ASN B 275 6.42 3.52 -27.89
C ASN B 275 6.38 2.36 -26.91
N TYR B 276 6.99 2.56 -25.76
CA TYR B 276 7.24 1.48 -24.82
C TYR B 276 6.65 1.75 -23.45
N CYS B 277 6.25 0.68 -22.78
CA CYS B 277 5.94 0.69 -21.36
C CYS B 277 7.06 -0.04 -20.60
N PHE B 278 7.80 0.71 -19.79
CA PHE B 278 8.98 0.19 -19.15
C PHE B 278 8.67 -0.62 -17.89
N ASP B 279 7.45 -0.48 -17.39
CA ASP B 279 7.02 -1.33 -16.29
C ASP B 279 6.51 -2.62 -16.90
N ILE B 280 7.31 -3.69 -16.86
CA ILE B 280 6.88 -4.96 -17.43
C ILE B 280 6.19 -5.73 -16.32
N PHE B 281 4.88 -5.86 -16.44
CA PHE B 281 4.01 -6.38 -15.39
C PHE B 281 4.45 -7.74 -14.87
N LYS B 282 4.68 -8.64 -15.83
CA LYS B 282 5.04 -10.02 -15.53
C LYS B 282 6.34 -10.08 -14.74
N ASP B 283 7.21 -9.08 -14.93
CA ASP B 283 8.49 -9.04 -14.26
C ASP B 283 8.40 -8.41 -12.89
N MET B 284 7.26 -7.77 -12.60
CA MET B 284 7.11 -6.98 -11.40
C MET B 284 6.09 -7.58 -10.44
N THR B 285 5.52 -8.71 -10.86
CA THR B 285 4.43 -9.36 -10.11
C THR B 285 4.79 -9.68 -8.67
N GLU B 286 6.05 -10.06 -8.44
CA GLU B 286 6.50 -10.40 -7.09
C GLU B 286 6.49 -9.18 -6.20
N GLU B 287 7.03 -8.07 -6.72
CA GLU B 287 7.00 -6.79 -6.01
C GLU B 287 5.55 -6.40 -5.70
N LEU B 288 4.65 -6.69 -6.63
CA LEU B 288 3.24 -6.37 -6.43
C LEU B 288 2.58 -7.15 -5.30
N ALA B 289 2.91 -8.44 -5.20
CA ALA B 289 2.30 -9.34 -4.22
C ALA B 289 2.48 -8.84 -2.79
#